data_7CC8
#
_entry.id   7CC8
#
_cell.length_a   91.801
_cell.length_b   91.801
_cell.length_c   233.578
_cell.angle_alpha   90.000
_cell.angle_beta   90.000
_cell.angle_gamma   90.000
#
_symmetry.space_group_name_H-M   'P 43 21 2'
#
loop_
_entity.id
_entity.type
_entity.pdbx_description
1 polymer 'Thymidylate Synthase'
2 non-polymer 'SULFATE ION'
3 non-polymer 'TRIETHYLENE GLYCOL'
4 water water
#
_entity_poly.entity_id   1
_entity_poly.type   'polypeptide(L)'
_entity_poly.pdbx_seq_one_letter_code
;MEGEHQYLNLVREILERGVKKDDRTGTGTLSIFGPQMRFSLRDDTIPVLTTKKIFWRGVVEELLWFIRGNTDAKELAKKK
IHIWNANGSREFLDSRGLYDRAEGDLGPVYGFQWRHFGAEYDTCSSDYTGKGIDQLANILKTLRENPDDRRMIMTAWNPM
DLHLMALPPCHMTAQFYVANGELSCQLYQRSGDVGLGVPFNIASYSLLTHLMASMVGLKPGEFILTLGDAHIYNTHIEVL
KKQLCRVPRPFPKLRILMAPEKIEDFTIDMFYLEGYQPHSGNLQMKMAVLEHHHHHH
;
_entity_poly.pdbx_strand_id   A,B
#
# COMPACT_ATOMS: atom_id res chain seq x y z
N MET A 1 -17.85 -13.41 0.89
CA MET A 1 -18.68 -13.67 -0.28
C MET A 1 -17.99 -13.01 -1.41
N GLU A 2 -18.10 -13.58 -2.59
CA GLU A 2 -17.38 -13.11 -3.73
C GLU A 2 -18.01 -12.00 -4.53
N GLY A 3 -17.16 -11.34 -5.30
CA GLY A 3 -17.53 -10.35 -6.29
C GLY A 3 -18.03 -9.10 -5.61
N GLU A 4 -19.14 -8.62 -6.11
CA GLU A 4 -19.68 -7.35 -5.67
C GLU A 4 -19.98 -7.38 -4.18
N HIS A 5 -20.26 -8.56 -3.60
CA HIS A 5 -20.57 -8.66 -2.15
C HIS A 5 -19.38 -8.13 -1.31
N GLN A 6 -18.14 -8.19 -1.82
CA GLN A 6 -16.97 -7.65 -1.06
C GLN A 6 -17.14 -6.14 -0.88
N TYR A 7 -17.66 -5.46 -1.90
CA TYR A 7 -17.90 -4.00 -1.83
C TYR A 7 -19.07 -3.72 -0.87
N LEU A 8 -20.18 -4.44 -1.04
CA LEU A 8 -21.38 -4.15 -0.23
C LEU A 8 -21.04 -4.42 1.24
N ASN A 9 -20.29 -5.48 1.49
CA ASN A 9 -19.92 -5.83 2.87
C ASN A 9 -19.03 -4.70 3.45
N LEU A 10 -18.19 -4.08 2.65
CA LEU A 10 -17.34 -2.98 3.14
C LEU A 10 -18.23 -1.80 3.54
N VAL A 11 -19.22 -1.50 2.69
CA VAL A 11 -20.16 -0.38 2.94
C VAL A 11 -20.81 -0.68 4.27
N ARG A 12 -21.28 -1.88 4.51
CA ARG A 12 -21.99 -2.18 5.73
C ARG A 12 -21.11 -2.07 6.98
N GLU A 13 -19.88 -2.55 6.88
CA GLU A 13 -18.94 -2.45 7.94
C GLU A 13 -18.74 -1.02 8.38
N ILE A 14 -18.65 -0.10 7.44
CA ILE A 14 -18.40 1.32 7.76
C ILE A 14 -19.66 1.90 8.34
N LEU A 15 -20.84 1.62 7.77
CA LEU A 15 -22.14 2.16 8.32
C LEU A 15 -22.32 1.66 9.74
N GLU A 16 -21.97 0.42 10.04
CA GLU A 16 -22.32 -0.18 11.34
C GLU A 16 -21.19 0.04 12.37
N ARG A 17 -19.94 0.07 11.97
CA ARG A 17 -18.85 0.08 12.91
C ARG A 17 -17.84 1.16 12.64
N GLY A 18 -18.11 2.03 11.69
CA GLY A 18 -17.22 3.14 11.36
C GLY A 18 -17.17 4.12 12.50
N VAL A 19 -16.08 4.86 12.62
CA VAL A 19 -15.97 5.95 13.66
C VAL A 19 -16.32 7.29 13.03
N LYS A 20 -16.93 8.15 13.82
CA LYS A 20 -17.40 9.50 13.39
C LYS A 20 -16.24 10.46 13.37
N LYS A 21 -15.72 10.80 12.21
CA LYS A 21 -14.44 11.54 12.04
C LYS A 21 -14.80 12.76 11.19
N ASP A 22 -13.79 13.58 10.84
CA ASP A 22 -13.94 14.71 9.89
C ASP A 22 -12.78 14.69 8.88
N ASP A 23 -13.04 15.28 7.71
CA ASP A 23 -12.05 15.34 6.59
C ASP A 23 -11.30 16.69 6.71
N ARG A 24 -10.50 17.02 5.70
CA ARG A 24 -9.81 18.34 5.49
C ARG A 24 -10.69 19.56 5.83
N THR A 25 -11.92 19.67 5.29
CA THR A 25 -12.88 20.84 5.38
C THR A 25 -13.79 20.79 6.64
N GLY A 26 -13.74 19.71 7.42
CA GLY A 26 -14.61 19.52 8.62
C GLY A 26 -16.02 19.03 8.26
N THR A 27 -16.20 18.37 7.09
CA THR A 27 -17.40 17.57 6.65
C THR A 27 -17.37 16.12 7.21
N GLY A 28 -18.52 15.65 7.72
CA GLY A 28 -18.67 14.40 8.53
C GLY A 28 -18.47 13.11 7.71
N THR A 29 -17.76 12.15 8.29
CA THR A 29 -17.53 10.83 7.73
C THR A 29 -17.71 9.77 8.77
N LEU A 30 -17.93 8.55 8.31
CA LEU A 30 -17.74 7.31 9.08
C LEU A 30 -16.51 6.64 8.45
N SER A 31 -15.70 6.05 9.29
CA SER A 31 -14.33 5.69 8.91
C SER A 31 -13.91 4.38 9.54
N ILE A 32 -13.29 3.52 8.75
CA ILE A 32 -12.47 2.43 9.34
C ILE A 32 -11.11 2.44 8.63
N PHE A 33 -10.17 1.67 9.15
CA PHE A 33 -8.78 1.62 8.67
C PHE A 33 -8.38 0.21 8.30
N GLY A 34 -7.72 0.06 7.15
CA GLY A 34 -7.14 -1.21 6.68
C GLY A 34 -8.05 -2.27 6.07
N PRO A 35 -9.29 -2.04 5.62
CA PRO A 35 -10.07 -3.13 5.03
C PRO A 35 -9.58 -3.42 3.61
N GLN A 36 -9.92 -4.59 3.17
CA GLN A 36 -9.41 -5.17 1.92
C GLN A 36 -10.59 -5.80 1.18
N MET A 37 -10.58 -5.67 -0.14
CA MET A 37 -11.50 -6.34 -1.05
C MET A 37 -10.72 -7.04 -2.16
N ARG A 38 -11.25 -8.17 -2.60
CA ARG A 38 -10.60 -9.07 -3.56
C ARG A 38 -11.63 -9.45 -4.65
N PHE A 39 -11.26 -9.33 -5.92
CA PHE A 39 -12.13 -9.53 -7.10
C PHE A 39 -11.42 -10.45 -8.06
N SER A 40 -12.13 -11.49 -8.48
CA SER A 40 -11.70 -12.36 -9.58
C SER A 40 -11.82 -11.62 -10.91
N LEU A 41 -10.76 -11.71 -11.73
CA LEU A 41 -10.75 -11.30 -13.15
C LEU A 41 -10.74 -12.50 -14.10
N ARG A 42 -11.05 -13.70 -13.63
CA ARG A 42 -11.13 -14.94 -14.43
C ARG A 42 -12.38 -14.93 -15.31
N ASP A 43 -12.31 -15.77 -16.35
CA ASP A 43 -13.38 -15.96 -17.34
C ASP A 43 -13.77 -14.60 -17.93
N ASP A 44 -12.82 -13.70 -18.10
CA ASP A 44 -12.98 -12.33 -18.70
C ASP A 44 -13.75 -11.38 -17.78
N THR A 45 -13.99 -11.73 -16.52
CA THR A 45 -14.81 -10.90 -15.58
C THR A 45 -14.10 -9.56 -15.27
N ILE A 46 -14.86 -8.49 -15.23
CA ILE A 46 -14.40 -7.17 -14.82
C ILE A 46 -15.41 -6.60 -13.84
N PRO A 47 -14.92 -6.30 -12.59
CA PRO A 47 -15.82 -5.93 -11.51
C PRO A 47 -16.34 -4.51 -11.60
N VAL A 48 -17.24 -4.27 -12.56
CA VAL A 48 -17.96 -2.97 -12.67
C VAL A 48 -19.26 -3.14 -11.89
N LEU A 49 -19.48 -2.35 -10.84
CA LEU A 49 -20.64 -2.57 -9.96
C LEU A 49 -21.93 -2.63 -10.80
N THR A 50 -22.80 -3.57 -10.43
CA THR A 50 -24.19 -3.71 -10.92
C THR A 50 -25.17 -3.08 -9.96
N THR A 51 -24.81 -2.76 -8.73
CA THR A 51 -25.82 -2.22 -7.82
C THR A 51 -25.97 -0.71 -8.00
N LYS A 52 -25.09 -0.10 -8.75
CA LYS A 52 -25.39 1.22 -9.37
C LYS A 52 -24.59 1.35 -10.66
N LYS A 53 -25.03 2.21 -11.56
CA LYS A 53 -24.40 2.43 -12.87
C LYS A 53 -23.10 3.18 -12.67
N ILE A 54 -22.02 2.59 -13.13
CA ILE A 54 -20.69 3.26 -13.15
C ILE A 54 -20.50 3.95 -14.50
N PHE A 55 -19.87 5.11 -14.51
CA PHE A 55 -19.53 5.85 -15.73
C PHE A 55 -18.28 5.19 -16.41
N TRP A 56 -18.51 4.11 -17.14
CA TRP A 56 -17.50 3.26 -17.82
C TRP A 56 -16.63 4.10 -18.74
N ARG A 57 -17.24 4.90 -19.62
CA ARG A 57 -16.45 5.73 -20.56
C ARG A 57 -15.47 6.63 -19.74
N GLY A 58 -15.92 7.21 -18.63
CA GLY A 58 -15.03 7.96 -17.74
C GLY A 58 -13.89 7.09 -17.17
N VAL A 59 -14.21 5.90 -16.67
CA VAL A 59 -13.17 4.95 -16.20
C VAL A 59 -12.12 4.76 -17.28
N VAL A 60 -12.54 4.51 -18.51
CA VAL A 60 -11.59 4.15 -19.58
C VAL A 60 -10.75 5.38 -19.96
N GLU A 61 -11.40 6.49 -20.24
CA GLU A 61 -10.65 7.68 -20.73
C GLU A 61 -9.71 8.17 -19.64
N GLU A 62 -10.10 8.13 -18.36
CA GLU A 62 -9.19 8.49 -17.28
C GLU A 62 -8.01 7.55 -17.29
N LEU A 63 -8.24 6.23 -17.33
CA LEU A 63 -7.12 5.26 -17.25
C LEU A 63 -6.17 5.45 -18.44
N LEU A 64 -6.71 5.67 -19.65
CA LEU A 64 -5.79 5.73 -20.82
C LEU A 64 -4.92 7.01 -20.71
N TRP A 65 -5.51 8.04 -20.15
CA TRP A 65 -4.89 9.28 -19.89
C TRP A 65 -3.77 9.13 -18.89
N PHE A 66 -3.99 8.35 -17.83
CA PHE A 66 -2.92 7.93 -16.90
C PHE A 66 -1.84 7.21 -17.70
N ILE A 67 -2.21 6.21 -18.49
CA ILE A 67 -1.24 5.33 -19.18
C ILE A 67 -0.34 6.16 -20.11
N ARG A 68 -0.89 7.15 -20.77
CA ARG A 68 -0.11 8.06 -21.58
C ARG A 68 0.84 8.94 -20.79
N GLY A 69 0.62 9.03 -19.50
CA GLY A 69 1.43 9.89 -18.63
C GLY A 69 1.01 11.34 -18.70
N ASN A 70 -0.21 11.61 -19.17
CA ASN A 70 -0.75 12.97 -19.32
C ASN A 70 -1.27 13.52 -17.98
N THR A 71 -1.33 14.84 -17.86
CA THR A 71 -1.69 15.58 -16.63
C THR A 71 -2.55 16.82 -16.88
N ASP A 72 -3.15 16.95 -18.07
CA ASP A 72 -3.93 18.14 -18.48
C ASP A 72 -5.40 17.79 -18.39
N ALA A 73 -6.10 18.28 -17.38
CA ALA A 73 -7.55 18.09 -17.23
C ALA A 73 -8.27 18.52 -18.52
N LYS A 74 -7.70 19.48 -19.28
CA LYS A 74 -8.40 20.06 -20.47
C LYS A 74 -8.55 18.96 -21.54
N GLU A 75 -7.56 18.06 -21.68
CA GLU A 75 -7.59 16.89 -22.61
C GLU A 75 -8.73 15.95 -22.24
N LEU A 76 -9.00 15.74 -20.96
CA LEU A 76 -10.16 14.91 -20.62
C LEU A 76 -11.42 15.67 -20.91
N ALA A 77 -11.49 16.95 -20.57
CA ALA A 77 -12.70 17.79 -20.77
C ALA A 77 -13.10 17.79 -22.27
N LYS A 78 -12.14 17.66 -23.17
CA LYS A 78 -12.39 17.68 -24.63
C LYS A 78 -13.13 16.42 -24.99
N LYS A 79 -12.92 15.31 -24.27
CA LYS A 79 -13.62 14.02 -24.45
C LYS A 79 -14.90 13.98 -23.63
N LYS A 80 -15.36 15.13 -23.14
CA LYS A 80 -16.53 15.23 -22.23
C LYS A 80 -16.35 14.34 -21.02
N ILE A 81 -15.12 14.25 -20.49
CA ILE A 81 -14.87 13.69 -19.13
C ILE A 81 -14.45 14.87 -18.22
N HIS A 82 -15.31 15.22 -17.27
CA HIS A 82 -15.18 16.45 -16.47
C HIS A 82 -14.68 16.17 -15.05
N ILE A 83 -14.36 14.93 -14.70
CA ILE A 83 -14.13 14.55 -13.28
C ILE A 83 -12.87 15.23 -12.71
N TRP A 84 -11.90 15.61 -13.56
CA TRP A 84 -10.68 16.31 -13.11
C TRP A 84 -10.76 17.85 -13.19
N ASN A 85 -11.83 18.43 -13.71
CA ASN A 85 -11.91 19.88 -14.00
C ASN A 85 -11.78 20.72 -12.71
N ALA A 86 -12.48 20.33 -11.65
CA ALA A 86 -12.56 21.08 -10.37
C ALA A 86 -11.14 21.19 -9.74
N ASN A 87 -10.34 20.14 -9.85
CA ASN A 87 -8.96 20.08 -9.34
C ASN A 87 -8.01 20.89 -10.21
N GLY A 88 -8.40 21.17 -11.43
CA GLY A 88 -7.51 21.93 -12.33
C GLY A 88 -7.97 23.37 -12.45
N SER A 89 -9.07 23.73 -11.81
CA SER A 89 -9.64 25.09 -11.89
C SER A 89 -8.61 26.08 -11.31
N ARG A 90 -8.66 27.32 -11.78
CA ARG A 90 -7.88 28.48 -11.27
C ARG A 90 -7.98 28.58 -9.72
N GLU A 91 -9.19 28.56 -9.19
CA GLU A 91 -9.45 28.59 -7.72
C GLU A 91 -8.75 27.46 -6.97
N PHE A 92 -8.85 26.24 -7.46
CA PHE A 92 -8.24 25.10 -6.75
C PHE A 92 -6.72 25.21 -6.80
N LEU A 93 -6.16 25.48 -7.98
CA LEU A 93 -4.68 25.58 -8.09
C LEU A 93 -4.14 26.71 -7.21
N ASP A 94 -4.84 27.83 -7.20
CA ASP A 94 -4.48 29.00 -6.39
C ASP A 94 -4.48 28.59 -4.91
N SER A 95 -5.45 27.79 -4.45
CA SER A 95 -5.59 27.47 -3.01
C SER A 95 -4.42 26.59 -2.56
N ARG A 96 -3.75 25.94 -3.49
CA ARG A 96 -2.54 25.13 -3.27
C ARG A 96 -1.28 25.93 -3.55
N GLY A 97 -1.35 27.24 -3.69
CA GLY A 97 -0.09 27.97 -3.99
C GLY A 97 0.49 27.65 -5.37
N LEU A 98 -0.33 27.17 -6.27
CA LEU A 98 0.11 26.97 -7.62
C LEU A 98 -0.32 28.11 -8.54
N TYR A 99 0.09 29.32 -8.17
CA TYR A 99 -0.26 30.53 -8.87
C TYR A 99 0.25 30.62 -10.29
N ASP A 100 1.34 29.97 -10.60
CA ASP A 100 1.91 30.04 -11.91
C ASP A 100 1.51 28.92 -12.85
N ARG A 101 0.48 28.21 -12.47
CA ARG A 101 0.05 27.06 -13.22
C ARG A 101 -1.15 27.44 -14.05
N ALA A 102 -1.13 27.06 -15.31
CA ALA A 102 -2.26 27.32 -16.23
C ALA A 102 -3.43 26.44 -15.79
N GLU A 103 -4.65 26.91 -16.01
CA GLU A 103 -5.89 26.21 -15.67
C GLU A 103 -5.87 24.85 -16.38
N GLY A 104 -6.23 23.81 -15.65
CA GLY A 104 -6.14 22.44 -16.17
C GLY A 104 -4.80 21.77 -15.97
N ASP A 105 -3.72 22.49 -15.75
CA ASP A 105 -2.38 21.88 -15.53
C ASP A 105 -2.27 21.33 -14.08
N LEU A 106 -2.49 20.02 -13.91
CA LEU A 106 -2.64 19.41 -12.57
C LEU A 106 -1.29 19.27 -11.87
N GLY A 107 -0.21 19.31 -12.65
CA GLY A 107 1.12 18.98 -12.17
C GLY A 107 1.39 17.48 -12.27
N PRO A 108 2.47 16.99 -11.61
CA PRO A 108 2.91 15.62 -11.75
C PRO A 108 2.07 14.60 -10.98
N VAL A 109 0.81 14.54 -11.31
CA VAL A 109 -0.13 13.58 -10.69
C VAL A 109 0.00 12.24 -11.44
N TYR A 110 -0.79 11.27 -11.06
CA TYR A 110 -0.69 9.82 -11.32
C TYR A 110 0.11 9.45 -12.56
N GLY A 111 -0.40 9.85 -13.70
CA GLY A 111 0.15 9.39 -14.97
C GLY A 111 1.61 9.73 -15.08
N PHE A 112 1.95 10.94 -14.68
CA PHE A 112 3.32 11.47 -14.81
C PHE A 112 4.25 10.58 -13.96
N GLN A 113 3.81 10.23 -12.77
CA GLN A 113 4.54 9.29 -11.94
C GLN A 113 4.70 7.91 -12.54
N TRP A 114 3.63 7.41 -13.18
CA TRP A 114 3.65 6.10 -13.79
C TRP A 114 4.66 5.98 -14.90
N ARG A 115 4.84 7.05 -15.67
CA ARG A 115 5.73 6.99 -16.80
C ARG A 115 7.03 7.76 -16.68
N HIS A 116 7.05 8.75 -15.82
CA HIS A 116 8.15 9.74 -15.71
C HIS A 116 8.61 9.95 -14.26
N PHE A 117 8.56 8.93 -13.41
CA PHE A 117 8.84 9.15 -11.97
C PHE A 117 10.19 9.83 -11.82
N GLY A 118 10.29 10.86 -10.96
CA GLY A 118 11.55 11.58 -10.67
C GLY A 118 11.93 12.64 -11.70
N ALA A 119 11.28 12.74 -12.85
CA ALA A 119 11.56 13.82 -13.81
C ALA A 119 11.14 15.15 -13.23
N GLU A 120 11.85 16.19 -13.59
CA GLU A 120 11.41 17.56 -13.26
C GLU A 120 10.20 17.94 -14.13
N TYR A 121 9.17 18.42 -13.48
CA TYR A 121 7.92 18.85 -14.11
C TYR A 121 8.06 20.29 -14.61
N ASP A 122 7.60 20.56 -15.81
CA ASP A 122 7.55 21.92 -16.35
C ASP A 122 6.09 22.31 -16.51
N THR A 123 5.41 21.91 -17.58
CA THR A 123 3.95 22.08 -17.73
C THR A 123 3.37 20.72 -18.18
N CYS A 124 2.06 20.66 -18.26
CA CYS A 124 1.34 19.45 -18.71
C CYS A 124 1.52 19.21 -20.22
N SER A 125 2.03 20.18 -20.99
CA SER A 125 2.19 20.00 -22.47
C SER A 125 3.66 19.81 -22.88
N SER A 126 4.62 19.92 -21.96
CA SER A 126 6.06 19.64 -22.28
C SER A 126 6.24 18.20 -22.76
N ASP A 127 7.35 17.92 -23.40
CA ASP A 127 7.63 16.60 -24.03
C ASP A 127 8.53 15.83 -23.07
N TYR A 128 8.00 14.81 -22.45
CA TYR A 128 8.69 14.10 -21.35
C TYR A 128 9.24 12.76 -21.87
N THR A 129 9.29 12.57 -23.19
CA THR A 129 9.88 11.35 -23.85
C THR A 129 11.28 11.11 -23.27
N GLY A 130 11.44 9.90 -22.72
CA GLY A 130 12.71 9.38 -22.17
C GLY A 130 13.11 10.11 -20.91
N LYS A 131 12.20 10.83 -20.27
CA LYS A 131 12.51 11.50 -18.99
C LYS A 131 11.93 10.71 -17.81
N GLY A 132 12.70 10.59 -16.75
CA GLY A 132 12.23 9.96 -15.52
C GLY A 132 12.25 8.43 -15.64
N ILE A 133 11.71 7.74 -14.66
CA ILE A 133 11.66 6.27 -14.64
C ILE A 133 10.29 5.83 -15.13
N ASP A 134 10.32 5.05 -16.18
CA ASP A 134 9.08 4.55 -16.79
C ASP A 134 8.70 3.28 -16.07
N GLN A 135 7.96 3.44 -14.96
CA GLN A 135 7.66 2.34 -14.03
C GLN A 135 6.78 1.33 -14.75
N LEU A 136 5.80 1.83 -15.48
CA LEU A 136 4.87 0.93 -16.19
C LEU A 136 5.63 0.13 -17.27
N ALA A 137 6.47 0.78 -18.08
CA ALA A 137 7.28 0.05 -19.10
C ALA A 137 8.13 -0.98 -18.38
N ASN A 138 8.71 -0.64 -17.22
CA ASN A 138 9.69 -1.54 -16.57
C ASN A 138 8.93 -2.79 -16.14
N ILE A 139 7.75 -2.63 -15.58
CA ILE A 139 6.93 -3.77 -15.09
C ILE A 139 6.55 -4.67 -16.27
N LEU A 140 6.09 -4.08 -17.37
CA LEU A 140 5.68 -4.91 -18.53
C LEU A 140 6.85 -5.82 -18.99
N LYS A 141 8.04 -5.25 -19.12
CA LYS A 141 9.26 -5.98 -19.51
C LYS A 141 9.48 -7.09 -18.48
N THR A 142 9.56 -6.77 -17.20
CA THR A 142 9.80 -7.75 -16.11
C THR A 142 8.71 -8.85 -16.22
N LEU A 143 7.50 -8.53 -16.60
CA LEU A 143 6.47 -9.54 -16.66
C LEU A 143 6.70 -10.51 -17.79
N ARG A 144 7.43 -10.08 -18.80
CA ARG A 144 7.72 -10.91 -19.92
C ARG A 144 8.94 -11.73 -19.68
N GLU A 145 9.90 -11.17 -19.00
CA GLU A 145 11.24 -11.81 -18.87
C GLU A 145 11.37 -12.54 -17.52
N ASN A 146 10.72 -12.11 -16.43
CA ASN A 146 11.03 -12.61 -15.07
C ASN A 146 9.77 -12.42 -14.21
N PRO A 147 8.67 -13.06 -14.61
CA PRO A 147 7.40 -12.83 -13.97
C PRO A 147 7.30 -13.17 -12.47
N ASP A 148 8.24 -13.92 -11.93
CA ASP A 148 8.34 -14.24 -10.49
C ASP A 148 8.84 -13.05 -9.66
N ASP A 149 9.44 -12.05 -10.28
CA ASP A 149 9.98 -10.86 -9.56
C ASP A 149 8.99 -10.36 -8.49
N ARG A 150 9.51 -10.00 -7.33
CA ARG A 150 8.70 -9.53 -6.18
C ARG A 150 8.84 -8.03 -6.00
N ARG A 151 9.39 -7.33 -6.98
CA ARG A 151 9.63 -5.87 -6.95
C ARG A 151 8.83 -5.13 -8.03
N MET A 152 7.74 -5.68 -8.49
CA MET A 152 7.01 -5.03 -9.59
C MET A 152 6.03 -4.05 -8.93
N ILE A 153 6.60 -2.91 -8.55
CA ILE A 153 5.95 -1.84 -7.79
C ILE A 153 5.82 -0.63 -8.71
N MET A 154 4.63 -0.07 -8.77
CA MET A 154 4.42 1.22 -9.39
C MET A 154 3.85 2.19 -8.37
N THR A 155 4.53 3.31 -8.12
CA THR A 155 4.08 4.26 -7.08
C THR A 155 3.88 5.63 -7.69
N ALA A 156 2.88 6.33 -7.18
CA ALA A 156 2.69 7.75 -7.46
C ALA A 156 3.11 8.60 -6.27
N TRP A 157 3.58 7.95 -5.21
CA TRP A 157 3.94 8.59 -3.96
C TRP A 157 5.37 9.03 -3.93
N ASN A 158 5.59 10.23 -4.44
CA ASN A 158 6.91 10.89 -4.45
C ASN A 158 6.83 12.09 -3.50
N PRO A 159 7.37 11.96 -2.28
CA PRO A 159 7.33 13.05 -1.32
C PRO A 159 7.94 14.35 -1.86
N MET A 160 8.88 14.30 -2.80
CA MET A 160 9.49 15.54 -3.40
C MET A 160 8.44 16.30 -4.24
N ASP A 161 7.46 15.60 -4.83
CA ASP A 161 6.58 16.17 -5.87
C ASP A 161 5.23 16.53 -5.28
N LEU A 162 4.89 16.05 -4.10
CA LEU A 162 3.49 16.18 -3.60
C LEU A 162 3.04 17.64 -3.65
N HIS A 163 3.89 18.59 -3.24
CA HIS A 163 3.53 20.04 -3.20
C HIS A 163 3.27 20.58 -4.63
N LEU A 164 3.72 19.92 -5.70
CA LEU A 164 3.53 20.38 -7.12
C LEU A 164 2.17 19.89 -7.68
N MET A 165 1.46 19.06 -6.93
CA MET A 165 0.26 18.36 -7.41
C MET A 165 -0.95 19.14 -6.94
N ALA A 166 -1.97 19.11 -7.76
CA ALA A 166 -3.31 19.63 -7.45
C ALA A 166 -3.78 19.00 -6.10
N LEU A 167 -3.60 17.67 -5.96
CA LEU A 167 -3.90 16.86 -4.73
C LEU A 167 -2.89 15.72 -4.66
N PRO A 168 -2.52 15.28 -3.44
CA PRO A 168 -1.63 14.16 -3.29
C PRO A 168 -2.37 12.89 -3.69
N PRO A 169 -1.68 11.97 -4.29
CA PRO A 169 -2.32 10.78 -4.82
C PRO A 169 -2.92 9.93 -3.72
N CYS A 170 -4.08 9.37 -3.98
CA CYS A 170 -4.62 8.41 -3.07
C CYS A 170 -4.53 6.95 -3.53
N HIS A 171 -4.80 6.64 -4.78
CA HIS A 171 -4.47 5.34 -5.30
C HIS A 171 -3.01 5.35 -5.62
N MET A 172 -2.22 5.07 -4.61
CA MET A 172 -0.86 5.50 -4.49
C MET A 172 0.22 4.50 -4.82
N THR A 173 -0.05 3.23 -4.72
CA THR A 173 0.97 2.23 -4.98
C THR A 173 0.32 0.94 -5.43
N ALA A 174 0.82 0.35 -6.50
CA ALA A 174 0.30 -0.93 -6.91
C ALA A 174 1.46 -1.92 -7.01
N GLN A 175 1.15 -3.18 -6.73
CA GLN A 175 2.10 -4.29 -6.94
C GLN A 175 1.49 -5.32 -7.86
N PHE A 176 2.30 -5.89 -8.75
CA PHE A 176 1.82 -6.96 -9.65
C PHE A 176 2.46 -8.27 -9.25
N TYR A 177 1.78 -9.35 -9.56
CA TYR A 177 2.25 -10.71 -9.19
C TYR A 177 1.71 -11.70 -10.18
N VAL A 178 2.49 -12.74 -10.42
CA VAL A 178 2.15 -13.78 -11.43
C VAL A 178 2.23 -15.13 -10.77
N ALA A 179 1.19 -15.94 -10.94
CA ALA A 179 1.26 -17.38 -10.59
C ALA A 179 0.40 -18.13 -11.60
N ASN A 180 0.91 -19.27 -12.08
CA ASN A 180 0.21 -20.19 -13.01
C ASN A 180 -0.25 -19.44 -14.25
N GLY A 181 0.57 -18.57 -14.81
CA GLY A 181 0.16 -17.81 -16.02
C GLY A 181 -0.88 -16.71 -15.74
N GLU A 182 -1.11 -16.31 -14.48
CA GLU A 182 -2.17 -15.33 -14.19
C GLU A 182 -1.55 -14.08 -13.53
N LEU A 183 -1.95 -12.93 -14.00
CA LEU A 183 -1.44 -11.61 -13.49
C LEU A 183 -2.45 -11.08 -12.52
N SER A 184 -1.99 -10.85 -11.29
CA SER A 184 -2.79 -10.18 -10.23
C SER A 184 -2.18 -8.83 -9.91
N CYS A 185 -3.00 -7.96 -9.35
CA CYS A 185 -2.64 -6.60 -8.99
C CYS A 185 -3.17 -6.33 -7.60
N GLN A 186 -2.34 -5.76 -6.73
CA GLN A 186 -2.88 -5.19 -5.46
C GLN A 186 -2.63 -3.68 -5.47
N LEU A 187 -3.68 -2.96 -5.16
CA LEU A 187 -3.61 -1.47 -4.99
C LEU A 187 -3.64 -1.13 -3.52
N TYR A 188 -2.72 -0.29 -3.11
CA TYR A 188 -2.77 0.38 -1.79
C TYR A 188 -3.39 1.74 -2.02
N GLN A 189 -4.59 1.97 -1.50
CA GLN A 189 -5.26 3.28 -1.54
C GLN A 189 -5.36 3.83 -0.12
N ARG A 190 -4.66 4.92 0.16
CA ARG A 190 -4.50 5.46 1.51
C ARG A 190 -5.78 6.12 2.00
N SER A 191 -6.63 6.56 1.10
CA SER A 191 -7.85 7.29 1.40
C SER A 191 -8.90 7.01 0.34
N GLY A 192 -9.97 6.36 0.72
CA GLY A 192 -10.98 5.96 -0.22
C GLY A 192 -12.34 6.42 0.16
N ASP A 193 -12.93 7.20 -0.70
CA ASP A 193 -14.32 7.56 -0.61
C ASP A 193 -15.12 6.38 -1.16
N VAL A 194 -15.70 5.66 -0.25
CA VAL A 194 -16.28 4.38 -0.51
C VAL A 194 -17.57 4.49 -1.29
N GLY A 195 -18.30 5.57 -1.09
CA GLY A 195 -19.52 5.84 -1.85
C GLY A 195 -19.29 6.24 -3.30
N LEU A 196 -18.16 6.83 -3.68
CA LEU A 196 -17.97 7.47 -5.00
C LEU A 196 -16.67 7.06 -5.67
N GLY A 197 -15.49 7.30 -5.07
CA GLY A 197 -14.21 7.07 -5.75
C GLY A 197 -13.90 5.56 -5.81
N VAL A 198 -14.25 4.80 -4.76
CA VAL A 198 -13.80 3.37 -4.66
C VAL A 198 -14.38 2.47 -5.77
N PRO A 199 -15.69 2.49 -6.07
CA PRO A 199 -16.20 1.72 -7.21
C PRO A 199 -15.47 1.99 -8.54
N PHE A 200 -15.14 3.25 -8.73
CA PHE A 200 -14.32 3.74 -9.87
C PHE A 200 -12.93 3.16 -9.84
N ASN A 201 -12.25 3.16 -8.67
CA ASN A 201 -10.89 2.58 -8.53
C ASN A 201 -10.93 1.09 -8.85
N ILE A 202 -11.97 0.38 -8.39
CA ILE A 202 -12.09 -1.08 -8.66
C ILE A 202 -12.17 -1.32 -10.19
N ALA A 203 -13.00 -0.57 -10.90
CA ALA A 203 -13.16 -0.74 -12.35
C ALA A 203 -11.87 -0.34 -13.09
N SER A 204 -11.28 0.75 -12.64
CA SER A 204 -10.07 1.33 -13.28
C SER A 204 -8.88 0.36 -13.21
N TYR A 205 -8.51 -0.07 -12.00
CA TYR A 205 -7.33 -0.95 -11.80
C TYR A 205 -7.61 -2.39 -12.34
N SER A 206 -8.85 -2.84 -12.29
CA SER A 206 -9.23 -4.14 -12.87
C SER A 206 -8.99 -4.08 -14.39
N LEU A 207 -9.37 -2.96 -15.02
CA LEU A 207 -9.19 -2.72 -16.48
C LEU A 207 -7.70 -2.70 -16.76
N LEU A 208 -6.93 -2.00 -15.95
CA LEU A 208 -5.47 -1.88 -16.14
C LEU A 208 -4.85 -3.28 -16.12
N THR A 209 -5.34 -4.13 -15.23
CA THR A 209 -4.77 -5.49 -15.11
C THR A 209 -5.12 -6.31 -16.36
N HIS A 210 -6.36 -6.29 -16.82
CA HIS A 210 -6.75 -6.96 -18.10
C HIS A 210 -5.88 -6.43 -19.24
N LEU A 211 -5.71 -5.10 -19.35
CA LEU A 211 -4.88 -4.50 -20.43
C LEU A 211 -3.44 -4.98 -20.32
N MET A 212 -2.84 -4.93 -19.12
CA MET A 212 -1.43 -5.32 -18.95
C MET A 212 -1.29 -6.79 -19.31
N ALA A 213 -2.24 -7.64 -18.90
CA ALA A 213 -2.16 -9.09 -19.21
C ALA A 213 -2.07 -9.29 -20.73
N SER A 214 -2.88 -8.57 -21.51
CA SER A 214 -2.87 -8.49 -22.97
C SER A 214 -1.51 -8.23 -23.53
N MET A 215 -0.82 -7.29 -22.95
CA MET A 215 0.45 -6.86 -23.43
C MET A 215 1.53 -7.91 -23.30
N VAL A 216 1.33 -8.92 -22.47
CA VAL A 216 2.49 -9.75 -22.02
C VAL A 216 2.15 -11.24 -22.11
N GLY A 217 1.06 -11.64 -22.75
CA GLY A 217 0.72 -13.06 -22.91
C GLY A 217 0.38 -13.75 -21.59
N LEU A 218 -0.25 -13.08 -20.64
CA LEU A 218 -0.75 -13.75 -19.43
C LEU A 218 -2.27 -13.64 -19.40
N LYS A 219 -2.91 -14.38 -18.51
CA LYS A 219 -4.36 -14.18 -18.29
C LYS A 219 -4.53 -13.31 -17.06
N PRO A 220 -5.63 -12.59 -16.98
CA PRO A 220 -5.92 -11.88 -15.74
C PRO A 220 -6.28 -12.81 -14.59
N GLY A 221 -5.87 -12.45 -13.37
CA GLY A 221 -6.07 -13.32 -12.19
C GLY A 221 -6.98 -12.66 -11.17
N GLU A 222 -6.40 -11.88 -10.24
CA GLU A 222 -7.19 -11.11 -9.23
C GLU A 222 -6.76 -9.67 -9.14
N PHE A 223 -7.67 -8.85 -8.68
CA PHE A 223 -7.44 -7.46 -8.29
C PHE A 223 -7.78 -7.36 -6.81
N ILE A 224 -6.82 -6.88 -6.04
CA ILE A 224 -6.95 -6.69 -4.58
C ILE A 224 -6.83 -5.21 -4.30
N LEU A 225 -7.84 -4.65 -3.65
CA LEU A 225 -7.85 -3.26 -3.22
C LEU A 225 -7.73 -3.25 -1.69
N THR A 226 -6.63 -2.75 -1.18
CA THR A 226 -6.39 -2.58 0.25
C THR A 226 -6.48 -1.09 0.57
N LEU A 227 -7.31 -0.73 1.54
CA LEU A 227 -7.50 0.69 1.89
C LEU A 227 -6.83 1.03 3.23
N GLY A 228 -6.34 2.27 3.29
CA GLY A 228 -5.99 2.94 4.56
C GLY A 228 -7.22 3.45 5.32
N ASP A 229 -7.47 4.75 5.19
CA ASP A 229 -8.70 5.43 5.66
C ASP A 229 -9.85 5.16 4.65
N ALA A 230 -10.70 4.18 4.94
CA ALA A 230 -11.89 3.88 4.13
C ALA A 230 -13.06 4.60 4.78
N HIS A 231 -13.67 5.53 4.07
CA HIS A 231 -14.72 6.37 4.61
C HIS A 231 -15.94 6.56 3.75
N ILE A 232 -17.04 6.87 4.39
CA ILE A 232 -18.32 7.23 3.76
C ILE A 232 -18.70 8.61 4.29
N TYR A 233 -18.94 9.54 3.39
CA TYR A 233 -19.54 10.86 3.75
C TYR A 233 -20.95 10.67 4.26
N ASN A 234 -21.27 11.36 5.35
CA ASN A 234 -22.58 11.36 6.02
C ASN A 234 -23.67 11.63 4.98
N THR A 235 -23.39 12.41 3.92
CA THR A 235 -24.41 12.81 2.93
C THR A 235 -24.82 11.63 2.02
N HIS A 236 -24.07 10.54 2.05
CA HIS A 236 -24.28 9.43 1.19
C HIS A 236 -24.88 8.29 1.90
N ILE A 237 -25.13 8.41 3.19
CA ILE A 237 -25.52 7.26 3.96
C ILE A 237 -26.84 6.71 3.50
N GLU A 238 -27.81 7.57 3.26
CA GLU A 238 -29.12 7.07 2.94
C GLU A 238 -29.14 6.41 1.59
N VAL A 239 -28.53 7.03 0.60
CA VAL A 239 -28.37 6.44 -0.73
C VAL A 239 -27.66 5.07 -0.64
N LEU A 240 -26.68 4.91 0.27
CA LEU A 240 -25.89 3.67 0.30
C LEU A 240 -26.69 2.59 1.01
N LYS A 241 -27.51 2.94 1.98
CA LYS A 241 -28.43 1.93 2.56
C LYS A 241 -29.40 1.36 1.54
N LYS A 242 -29.99 2.18 0.65
CA LYS A 242 -30.86 1.70 -0.47
C LYS A 242 -30.02 0.88 -1.44
N GLN A 243 -28.78 1.27 -1.71
CA GLN A 243 -27.95 0.45 -2.65
C GLN A 243 -27.75 -0.97 -2.09
N LEU A 244 -27.61 -1.11 -0.77
CA LEU A 244 -27.33 -2.41 -0.16
C LEU A 244 -28.55 -3.32 -0.31
N CYS A 245 -29.74 -2.76 -0.53
CA CYS A 245 -30.97 -3.56 -0.74
C CYS A 245 -31.00 -4.20 -2.10
N ARG A 246 -30.07 -3.88 -2.99
CA ARG A 246 -30.24 -4.30 -4.39
C ARG A 246 -29.39 -5.52 -4.58
N VAL A 247 -29.97 -6.59 -5.07
CA VAL A 247 -29.25 -7.85 -5.37
C VAL A 247 -28.32 -7.63 -6.57
N PRO A 248 -27.04 -7.94 -6.41
CA PRO A 248 -26.11 -7.88 -7.53
C PRO A 248 -26.55 -8.80 -8.66
N ARG A 249 -26.25 -8.36 -9.90
CA ARG A 249 -26.33 -9.25 -11.10
C ARG A 249 -24.92 -9.65 -11.43
N PRO A 250 -24.70 -10.66 -12.32
CA PRO A 250 -23.34 -11.02 -12.70
C PRO A 250 -22.59 -9.84 -13.29
N PHE A 251 -21.32 -9.80 -12.98
CA PHE A 251 -20.44 -8.74 -13.47
C PHE A 251 -20.37 -8.84 -14.98
N PRO A 252 -20.10 -7.73 -15.70
CA PRO A 252 -19.87 -7.80 -17.14
C PRO A 252 -18.54 -8.48 -17.43
N LYS A 253 -18.31 -8.79 -18.70
CA LYS A 253 -17.03 -9.33 -19.23
C LYS A 253 -16.39 -8.21 -20.04
N LEU A 254 -15.06 -8.16 -20.01
CA LEU A 254 -14.31 -7.27 -20.89
C LEU A 254 -13.88 -8.09 -22.11
N ARG A 255 -14.13 -7.53 -23.28
CA ARG A 255 -13.68 -8.13 -24.55
C ARG A 255 -12.62 -7.23 -25.15
N ILE A 256 -11.45 -7.79 -25.35
CA ILE A 256 -10.34 -7.05 -25.96
C ILE A 256 -10.22 -7.54 -27.40
N LEU A 257 -10.23 -6.63 -28.37
CA LEU A 257 -10.20 -7.03 -29.81
C LEU A 257 -8.73 -7.11 -30.25
N MET A 258 -7.86 -6.34 -29.66
CA MET A 258 -6.44 -6.34 -30.03
C MET A 258 -5.69 -5.66 -28.90
N ALA A 259 -4.38 -5.83 -28.87
CA ALA A 259 -3.49 -5.08 -27.99
C ALA A 259 -2.43 -4.48 -28.88
N PRO A 260 -2.14 -3.19 -28.77
CA PRO A 260 -1.08 -2.60 -29.56
C PRO A 260 0.29 -2.98 -28.99
N GLU A 261 1.33 -2.68 -29.74
CA GLU A 261 2.72 -2.93 -29.33
C GLU A 261 3.05 -2.14 -28.04
N LYS A 262 2.57 -0.92 -27.90
CA LYS A 262 2.82 -0.08 -26.71
C LYS A 262 1.52 0.27 -26.02
N ILE A 263 1.51 0.15 -24.69
CA ILE A 263 0.29 0.18 -23.85
C ILE A 263 -0.35 1.58 -23.94
N GLU A 264 0.43 2.65 -24.16
CA GLU A 264 -0.10 4.04 -24.28
C GLU A 264 -0.88 4.27 -25.59
N ASP A 265 -0.83 3.32 -26.50
CA ASP A 265 -1.51 3.34 -27.80
C ASP A 265 -2.84 2.56 -27.71
N PHE A 266 -3.25 2.06 -26.54
CA PHE A 266 -4.62 1.52 -26.40
C PHE A 266 -5.60 2.68 -26.68
N THR A 267 -6.68 2.41 -27.44
CA THR A 267 -7.83 3.32 -27.56
C THR A 267 -9.10 2.60 -27.12
N ILE A 268 -10.12 3.35 -26.83
CA ILE A 268 -11.33 2.85 -26.31
C ILE A 268 -12.04 1.94 -27.31
N ASP A 269 -11.61 2.00 -28.55
CA ASP A 269 -12.18 1.21 -29.59
C ASP A 269 -11.68 -0.23 -29.57
N MET A 270 -10.62 -0.47 -28.85
CA MET A 270 -9.94 -1.77 -28.86
C MET A 270 -10.54 -2.74 -27.83
N PHE A 271 -11.49 -2.32 -27.01
CA PHE A 271 -12.14 -3.21 -26.00
C PHE A 271 -13.48 -2.63 -25.58
N TYR A 272 -14.37 -3.47 -25.08
CA TYR A 272 -15.72 -3.00 -24.66
C TYR A 272 -16.20 -3.93 -23.54
N LEU A 273 -17.22 -3.47 -22.85
CA LEU A 273 -17.95 -4.29 -21.85
C LEU A 273 -19.07 -5.06 -22.53
N GLU A 274 -19.12 -6.34 -22.31
CA GLU A 274 -20.24 -7.17 -22.73
C GLU A 274 -21.12 -7.51 -21.51
N GLY A 275 -22.43 -7.29 -21.61
CA GLY A 275 -23.39 -7.78 -20.62
C GLY A 275 -23.39 -6.90 -19.36
N TYR A 276 -23.15 -5.63 -19.52
CA TYR A 276 -23.25 -4.73 -18.36
C TYR A 276 -24.71 -4.37 -18.10
N GLN A 277 -25.26 -4.74 -16.95
CA GLN A 277 -26.73 -4.68 -16.68
C GLN A 277 -26.96 -4.11 -15.30
N PRO A 278 -26.58 -2.85 -15.09
CA PRO A 278 -26.71 -2.26 -13.78
C PRO A 278 -28.15 -1.92 -13.35
N HIS A 279 -28.41 -1.86 -12.06
CA HIS A 279 -29.70 -1.42 -11.54
C HIS A 279 -29.86 0.03 -11.93
N SER A 280 -31.09 0.40 -12.25
CA SER A 280 -31.60 1.80 -12.40
C SER A 280 -32.26 2.27 -11.09
N GLY A 281 -32.79 1.30 -10.32
CA GLY A 281 -33.40 1.51 -9.00
C GLY A 281 -34.90 1.76 -9.06
N ASN A 282 -35.54 1.57 -10.23
CA ASN A 282 -36.98 1.89 -10.50
C ASN A 282 -37.88 0.93 -9.69
N LEU A 283 -37.66 -0.39 -9.77
CA LEU A 283 -38.46 -1.40 -9.00
C LEU A 283 -38.46 -1.07 -7.47
N GLN A 284 -37.28 -0.76 -6.89
CA GLN A 284 -37.09 -0.41 -5.44
C GLN A 284 -37.92 0.85 -5.06
N MET A 285 -37.86 1.91 -5.90
CA MET A 285 -38.62 3.19 -5.76
C MET A 285 -40.14 2.88 -5.78
N LYS A 286 -40.62 2.06 -6.74
CA LYS A 286 -42.04 1.57 -6.84
C LYS A 286 -42.48 0.88 -5.52
N MET A 287 -41.71 -0.11 -5.01
CA MET A 287 -41.94 -0.84 -3.72
C MET A 287 -41.94 0.13 -2.52
N ALA A 288 -41.02 1.12 -2.45
CA ALA A 288 -41.02 2.19 -1.39
C ALA A 288 -42.38 2.93 -1.39
N VAL A 289 -42.87 3.40 -2.55
CA VAL A 289 -44.16 4.18 -2.72
C VAL A 289 -45.34 3.31 -2.25
N LEU A 290 -45.41 2.07 -2.75
CA LEU A 290 -46.39 1.01 -2.39
C LEU A 290 -46.36 0.68 -0.87
N GLU A 291 -45.18 0.40 -0.26
CA GLU A 291 -45.00 -0.02 1.18
C GLU A 291 -45.42 1.12 2.16
N HIS A 292 -44.95 2.36 1.92
CA HIS A 292 -45.27 3.62 2.67
C HIS A 292 -46.78 3.67 2.99
N HIS A 293 -47.62 3.41 1.96
CA HIS A 293 -49.11 3.46 2.01
C HIS A 293 -49.69 2.50 3.09
N HIS A 294 -48.98 1.44 3.52
CA HIS A 294 -49.48 0.32 4.40
C HIS A 294 -49.08 0.55 5.87
N MET B 1 -10.07 -13.80 14.09
CA MET B 1 -9.35 -14.54 15.08
C MET B 1 -8.52 -13.65 15.95
N GLU B 2 -7.87 -14.25 16.93
CA GLU B 2 -6.99 -13.56 17.80
C GLU B 2 -5.72 -13.44 17.04
N GLY B 3 -4.84 -12.60 17.53
CA GLY B 3 -3.61 -12.26 16.86
C GLY B 3 -2.73 -13.36 16.38
N GLU B 4 -2.24 -14.20 17.28
CA GLU B 4 -1.31 -15.22 16.88
C GLU B 4 -1.97 -16.25 16.02
N HIS B 5 -3.24 -16.54 16.27
CA HIS B 5 -3.98 -17.47 15.37
C HIS B 5 -3.96 -16.91 13.93
N GLN B 6 -3.87 -15.59 13.71
CA GLN B 6 -3.93 -15.05 12.30
C GLN B 6 -2.61 -15.40 11.64
N TYR B 7 -1.51 -15.36 12.40
CA TYR B 7 -0.20 -15.73 11.83
C TYR B 7 -0.23 -17.24 11.50
N LEU B 8 -0.76 -18.09 12.38
CA LEU B 8 -0.71 -19.57 12.20
C LEU B 8 -1.61 -19.95 11.04
N ASN B 9 -2.77 -19.32 10.95
CA ASN B 9 -3.71 -19.49 9.81
C ASN B 9 -3.02 -19.08 8.50
N LEU B 10 -2.27 -17.99 8.47
CA LEU B 10 -1.58 -17.59 7.22
C LEU B 10 -0.58 -18.69 6.84
N VAL B 11 0.12 -19.27 7.79
CA VAL B 11 1.06 -20.34 7.50
C VAL B 11 0.33 -21.57 6.95
N ARG B 12 -0.81 -21.88 7.53
CA ARG B 12 -1.59 -22.99 7.07
C ARG B 12 -2.03 -22.79 5.64
N GLU B 13 -2.53 -21.61 5.35
CA GLU B 13 -3.01 -21.29 4.03
C GLU B 13 -1.94 -21.41 2.96
N ILE B 14 -0.76 -20.91 3.21
CA ILE B 14 0.35 -21.00 2.22
C ILE B 14 0.75 -22.47 2.05
N LEU B 15 0.88 -23.22 3.14
CA LEU B 15 1.28 -24.64 3.01
C LEU B 15 0.22 -25.41 2.23
N GLU B 16 -1.05 -25.08 2.41
CA GLU B 16 -2.16 -25.79 1.86
C GLU B 16 -2.49 -25.39 0.44
N ARG B 17 -2.49 -24.09 0.16
CA ARG B 17 -2.92 -23.57 -1.15
C ARG B 17 -1.89 -22.74 -1.90
N GLY B 18 -0.70 -22.59 -1.37
CA GLY B 18 0.28 -21.76 -1.98
C GLY B 18 0.69 -22.27 -3.33
N VAL B 19 1.25 -21.40 -4.16
CA VAL B 19 1.75 -21.78 -5.49
C VAL B 19 3.26 -21.97 -5.42
N LYS B 20 3.74 -22.97 -6.14
CA LYS B 20 5.17 -23.36 -6.24
C LYS B 20 5.89 -22.40 -7.16
N LYS B 21 6.57 -21.44 -6.60
CA LYS B 21 7.19 -20.35 -7.36
C LYS B 21 8.69 -20.58 -7.13
N ASP B 22 9.54 -19.66 -7.59
CA ASP B 22 10.99 -19.54 -7.20
C ASP B 22 11.30 -18.07 -6.88
N ASP B 23 12.34 -17.82 -6.08
CA ASP B 23 12.83 -16.44 -5.77
C ASP B 23 13.96 -16.04 -6.76
N ARG B 24 14.62 -14.92 -6.48
CA ARG B 24 15.82 -14.38 -7.21
C ARG B 24 16.78 -15.51 -7.62
N THR B 25 17.24 -16.36 -6.69
CA THR B 25 18.35 -17.36 -6.85
C THR B 25 17.82 -18.67 -7.52
N GLY B 26 16.50 -18.83 -7.67
CA GLY B 26 15.83 -20.07 -8.12
C GLY B 26 15.58 -21.10 -7.00
N THR B 27 15.61 -20.70 -5.69
CA THR B 27 15.28 -21.55 -4.48
C THR B 27 13.78 -21.47 -4.11
N GLY B 28 13.20 -22.63 -3.80
CA GLY B 28 11.77 -22.89 -3.96
C GLY B 28 10.97 -22.18 -2.89
N THR B 29 9.75 -21.76 -3.24
CA THR B 29 8.80 -21.19 -2.27
C THR B 29 7.43 -21.75 -2.53
N LEU B 30 6.61 -21.62 -1.52
CA LEU B 30 5.16 -21.62 -1.68
C LEU B 30 4.71 -20.19 -1.39
N SER B 31 3.73 -19.73 -2.16
CA SER B 31 3.45 -18.28 -2.30
C SER B 31 1.95 -18.01 -2.41
N ILE B 32 1.47 -17.01 -1.69
CA ILE B 32 0.16 -16.41 -2.05
C ILE B 32 0.35 -14.89 -2.17
N PHE B 33 -0.69 -14.21 -2.63
CA PHE B 33 -0.67 -12.75 -2.87
C PHE B 33 -1.78 -12.05 -2.10
N GLY B 34 -1.46 -10.96 -1.39
CA GLY B 34 -2.45 -10.09 -0.77
C GLY B 34 -3.02 -10.49 0.58
N PRO B 35 -2.51 -11.43 1.39
CA PRO B 35 -3.09 -11.65 2.71
C PRO B 35 -2.79 -10.51 3.70
N GLN B 36 -3.63 -10.43 4.70
CA GLN B 36 -3.64 -9.41 5.72
C GLN B 36 -3.74 -10.10 7.08
N MET B 37 -3.09 -9.50 8.06
CA MET B 37 -3.28 -9.84 9.47
C MET B 37 -3.44 -8.55 10.27
N ARG B 38 -4.11 -8.71 11.39
CA ARG B 38 -4.51 -7.57 12.25
C ARG B 38 -4.25 -7.94 13.72
N PHE B 39 -3.56 -7.09 14.47
CA PHE B 39 -3.10 -7.35 15.87
C PHE B 39 -3.52 -6.18 16.74
N SER B 40 -4.22 -6.49 17.81
CA SER B 40 -4.59 -5.47 18.83
C SER B 40 -3.34 -5.06 19.62
N LEU B 41 -3.13 -3.76 19.78
CA LEU B 41 -2.11 -3.19 20.68
C LEU B 41 -2.78 -2.57 21.94
N ARG B 42 -4.05 -2.88 22.18
CA ARG B 42 -4.74 -2.44 23.41
C ARG B 42 -4.25 -3.17 24.65
N ASP B 43 -4.45 -2.52 25.79
CA ASP B 43 -4.13 -3.06 27.13
C ASP B 43 -2.61 -3.32 27.15
N ASP B 44 -1.81 -2.52 26.41
CA ASP B 44 -0.32 -2.62 26.40
C ASP B 44 0.17 -3.86 25.64
N THR B 45 -0.69 -4.55 24.90
CA THR B 45 -0.31 -5.83 24.26
C THR B 45 0.67 -5.49 23.14
N ILE B 46 1.60 -6.42 22.91
CA ILE B 46 2.52 -6.32 21.76
C ILE B 46 2.69 -7.70 21.20
N PRO B 47 2.35 -7.88 19.90
CA PRO B 47 2.29 -9.22 19.28
C PRO B 47 3.66 -9.82 19.00
N VAL B 48 4.37 -10.22 20.06
CA VAL B 48 5.61 -11.01 19.87
C VAL B 48 5.21 -12.49 19.90
N LEU B 49 5.44 -13.24 18.84
CA LEU B 49 4.93 -14.61 18.78
C LEU B 49 5.39 -15.38 20.02
N THR B 50 4.48 -16.19 20.57
CA THR B 50 4.70 -17.19 21.65
C THR B 50 4.95 -18.60 21.11
N THR B 51 4.64 -18.90 19.84
CA THR B 51 4.81 -20.29 19.33
C THR B 51 6.24 -20.59 18.88
N LYS B 52 7.09 -19.55 18.86
CA LYS B 52 8.57 -19.69 18.89
C LYS B 52 9.17 -18.42 19.50
N LYS B 53 10.40 -18.53 19.97
CA LYS B 53 11.09 -17.41 20.61
C LYS B 53 11.53 -16.45 19.50
N ILE B 54 11.04 -15.22 19.56
CA ILE B 54 11.51 -14.10 18.70
C ILE B 54 12.78 -13.50 19.31
N PHE B 55 13.69 -13.06 18.46
CA PHE B 55 14.93 -12.31 18.84
C PHE B 55 14.53 -10.84 19.14
N TRP B 56 13.94 -10.64 20.30
CA TRP B 56 13.47 -9.35 20.69
C TRP B 56 14.53 -8.26 20.72
N ARG B 57 15.72 -8.56 21.19
CA ARG B 57 16.77 -7.59 21.23
C ARG B 57 17.19 -7.13 19.85
N GLY B 58 17.26 -8.07 18.93
CA GLY B 58 17.45 -7.78 17.49
C GLY B 58 16.31 -6.91 16.94
N VAL B 59 15.08 -7.23 17.28
CA VAL B 59 13.92 -6.38 16.90
C VAL B 59 14.18 -4.94 17.30
N VAL B 60 14.48 -4.70 18.57
CA VAL B 60 14.61 -3.35 19.14
C VAL B 60 15.81 -2.68 18.52
N GLU B 61 16.98 -3.33 18.51
CA GLU B 61 18.20 -2.63 18.07
C GLU B 61 18.04 -2.25 16.59
N GLU B 62 17.48 -3.12 15.77
CA GLU B 62 17.26 -2.80 14.33
C GLU B 62 16.28 -1.63 14.26
N LEU B 63 15.20 -1.65 15.04
CA LEU B 63 14.20 -0.55 14.88
C LEU B 63 14.87 0.77 15.29
N LEU B 64 15.61 0.79 16.40
CA LEU B 64 16.17 2.07 16.87
C LEU B 64 17.15 2.61 15.81
N TRP B 65 17.90 1.72 15.22
CA TRP B 65 18.80 2.04 14.17
C TRP B 65 18.08 2.69 13.00
N PHE B 66 16.96 2.12 12.59
CA PHE B 66 16.07 2.71 11.55
C PHE B 66 15.71 4.12 12.01
N ILE B 67 15.23 4.26 13.24
CA ILE B 67 14.65 5.55 13.73
C ILE B 67 15.77 6.59 13.77
N ARG B 68 17.01 6.22 14.08
CA ARG B 68 18.11 7.21 14.07
C ARG B 68 18.43 7.61 12.63
N GLY B 69 17.93 6.87 11.65
CA GLY B 69 18.28 7.12 10.25
C GLY B 69 19.59 6.54 9.79
N ASN B 70 20.17 5.63 10.56
CA ASN B 70 21.45 4.95 10.30
C ASN B 70 21.36 3.77 9.34
N THR B 71 22.47 3.48 8.67
CA THR B 71 22.58 2.56 7.50
C THR B 71 23.88 1.77 7.52
N ASP B 72 24.62 1.78 8.65
CA ASP B 72 25.92 1.03 8.81
C ASP B 72 25.68 -0.30 9.50
N ALA B 73 25.73 -1.43 8.80
CA ALA B 73 25.57 -2.79 9.39
C ALA B 73 26.57 -2.98 10.53
N LYS B 74 27.71 -2.29 10.47
CA LYS B 74 28.82 -2.49 11.46
C LYS B 74 28.34 -1.94 12.81
N GLU B 75 27.50 -0.91 12.86
CA GLU B 75 27.01 -0.42 14.17
C GLU B 75 26.12 -1.50 14.82
N LEU B 76 25.36 -2.24 14.03
CA LEU B 76 24.52 -3.31 14.59
C LEU B 76 25.42 -4.43 15.09
N ALA B 77 26.40 -4.79 14.26
CA ALA B 77 27.38 -5.90 14.53
C ALA B 77 28.13 -5.66 15.84
N LYS B 78 28.40 -4.41 16.19
CA LYS B 78 29.05 -3.99 17.44
C LYS B 78 28.17 -4.33 18.63
N LYS B 79 26.84 -4.32 18.52
CA LYS B 79 25.88 -4.74 19.58
C LYS B 79 25.54 -6.23 19.43
N LYS B 80 26.31 -6.98 18.64
CA LYS B 80 26.10 -8.44 18.38
C LYS B 80 24.71 -8.68 17.78
N ILE B 81 24.24 -7.72 16.95
CA ILE B 81 23.13 -7.94 15.98
C ILE B 81 23.74 -8.06 14.59
N HIS B 82 23.71 -9.26 14.02
CA HIS B 82 24.45 -9.65 12.80
C HIS B 82 23.51 -9.88 11.60
N ILE B 83 22.22 -9.63 11.74
CA ILE B 83 21.19 -9.86 10.69
C ILE B 83 21.48 -9.05 9.41
N TRP B 84 22.24 -7.95 9.46
CA TRP B 84 22.52 -7.12 8.25
C TRP B 84 23.91 -7.38 7.66
N ASN B 85 24.71 -8.22 8.28
CA ASN B 85 26.16 -8.31 7.96
C ASN B 85 26.37 -8.89 6.57
N ALA B 86 25.60 -9.94 6.23
CA ALA B 86 25.65 -10.66 4.91
C ALA B 86 25.34 -9.68 3.74
N ASN B 87 24.36 -8.78 3.89
CA ASN B 87 23.94 -7.81 2.83
C ASN B 87 24.93 -6.65 2.74
N GLY B 88 25.80 -6.48 3.73
CA GLY B 88 26.83 -5.42 3.73
C GLY B 88 28.19 -5.96 3.34
N SER B 89 28.28 -7.26 3.03
CA SER B 89 29.60 -7.92 2.82
C SER B 89 30.14 -7.45 1.46
N ARG B 90 31.46 -7.46 1.31
CA ARG B 90 32.18 -7.15 0.03
C ARG B 90 31.51 -7.92 -1.12
N GLU B 91 31.27 -9.20 -0.92
CA GLU B 91 30.71 -10.09 -1.95
C GLU B 91 29.30 -9.63 -2.38
N PHE B 92 28.40 -9.39 -1.41
CA PHE B 92 27.01 -8.95 -1.70
C PHE B 92 27.00 -7.54 -2.32
N LEU B 93 27.74 -6.58 -1.78
CA LEU B 93 27.79 -5.22 -2.41
C LEU B 93 28.31 -5.30 -3.86
N ASP B 94 29.30 -6.13 -4.15
CA ASP B 94 29.89 -6.30 -5.53
C ASP B 94 28.82 -6.88 -6.48
N SER B 95 28.05 -7.85 -6.02
CA SER B 95 26.98 -8.41 -6.79
C SER B 95 25.90 -7.41 -7.16
N ARG B 96 25.91 -6.25 -6.54
CA ARG B 96 24.89 -5.27 -6.82
C ARG B 96 25.47 -4.15 -7.62
N GLY B 97 26.68 -4.34 -8.10
CA GLY B 97 27.44 -3.23 -8.73
C GLY B 97 27.92 -2.13 -7.80
N LEU B 98 27.98 -2.34 -6.46
CA LEU B 98 28.41 -1.27 -5.50
C LEU B 98 29.90 -1.44 -5.12
N TYR B 99 30.76 -1.52 -6.13
CA TYR B 99 32.21 -1.82 -5.98
C TYR B 99 32.93 -0.75 -5.15
N ASP B 100 32.42 0.47 -5.05
CA ASP B 100 33.13 1.57 -4.34
C ASP B 100 32.71 1.70 -2.89
N ARG B 101 31.82 0.83 -2.44
CA ARG B 101 31.09 1.01 -1.17
C ARG B 101 31.87 0.27 -0.10
N ALA B 102 32.22 0.95 0.99
CA ALA B 102 32.87 0.31 2.16
C ALA B 102 31.98 -0.83 2.68
N GLU B 103 32.60 -1.91 3.15
CA GLU B 103 31.89 -3.09 3.74
C GLU B 103 30.99 -2.61 4.90
N GLY B 104 29.75 -3.09 4.92
CA GLY B 104 28.72 -2.71 5.90
C GLY B 104 27.99 -1.40 5.55
N ASP B 105 28.45 -0.60 4.58
CA ASP B 105 27.73 0.62 4.17
C ASP B 105 26.60 0.19 3.20
N LEU B 106 25.37 0.05 3.71
CA LEU B 106 24.22 -0.56 3.01
C LEU B 106 23.63 0.40 1.99
N GLY B 107 24.02 1.67 2.03
CA GLY B 107 23.43 2.75 1.23
C GLY B 107 22.13 3.25 1.89
N PRO B 108 21.31 4.02 1.16
CA PRO B 108 20.16 4.72 1.74
C PRO B 108 18.93 3.83 1.90
N VAL B 109 19.12 2.83 2.74
CA VAL B 109 18.05 1.87 3.07
C VAL B 109 17.20 2.46 4.19
N TYR B 110 16.16 1.74 4.53
CA TYR B 110 14.98 2.08 5.36
C TYR B 110 15.17 3.37 6.16
N GLY B 111 16.02 3.32 7.18
CA GLY B 111 16.11 4.44 8.12
C GLY B 111 16.51 5.76 7.47
N PHE B 112 17.37 5.72 6.48
CA PHE B 112 17.77 6.95 5.77
C PHE B 112 16.53 7.52 5.06
N GLN B 113 15.64 6.67 4.58
CA GLN B 113 14.41 7.14 3.86
C GLN B 113 13.47 7.71 4.92
N TRP B 114 13.42 7.10 6.12
CA TRP B 114 12.42 7.54 7.12
C TRP B 114 12.77 8.96 7.54
N ARG B 115 14.05 9.26 7.67
CA ARG B 115 14.48 10.52 8.31
C ARG B 115 15.07 11.49 7.30
N HIS B 116 15.48 11.05 6.12
CA HIS B 116 16.22 11.90 5.15
C HIS B 116 15.72 11.70 3.70
N PHE B 117 14.47 11.34 3.49
CA PHE B 117 14.01 10.99 2.12
C PHE B 117 14.44 12.10 1.17
N GLY B 118 15.03 11.73 0.06
CA GLY B 118 15.37 12.61 -1.06
C GLY B 118 16.73 13.27 -0.87
N ALA B 119 17.40 13.13 0.26
CA ALA B 119 18.77 13.70 0.45
C ALA B 119 19.75 12.88 -0.36
N GLU B 120 20.81 13.52 -0.81
CA GLU B 120 21.91 12.81 -1.50
C GLU B 120 22.70 11.98 -0.49
N TYR B 121 22.89 10.71 -0.81
CA TYR B 121 23.64 9.76 -0.01
C TYR B 121 25.14 9.88 -0.30
N ASP B 122 25.96 10.00 0.74
CA ASP B 122 27.44 9.96 0.59
C ASP B 122 27.96 8.63 1.14
N THR B 123 28.09 8.51 2.47
CA THR B 123 28.43 7.23 3.12
C THR B 123 27.48 7.06 4.29
N CYS B 124 27.52 5.89 4.90
CA CYS B 124 26.80 5.64 6.16
C CYS B 124 27.29 6.49 7.36
N SER B 125 28.48 7.08 7.36
CA SER B 125 28.96 7.90 8.52
C SER B 125 28.74 9.39 8.30
N SER B 126 28.40 9.86 7.11
CA SER B 126 28.14 11.29 6.86
C SER B 126 27.06 11.83 7.81
N ASP B 127 27.11 13.14 8.04
CA ASP B 127 26.17 13.93 8.88
C ASP B 127 24.99 14.37 8.00
N TYR B 128 23.80 13.84 8.29
CA TYR B 128 22.58 14.09 7.48
C TYR B 128 21.57 14.94 8.28
N THR B 129 22.04 15.54 9.38
CA THR B 129 21.22 16.48 10.18
C THR B 129 20.59 17.57 9.26
N GLY B 130 19.24 17.72 9.32
CA GLY B 130 18.45 18.71 8.55
C GLY B 130 18.48 18.47 7.06
N LYS B 131 18.86 17.28 6.62
CA LYS B 131 18.89 16.93 5.18
C LYS B 131 17.73 15.98 4.85
N GLY B 132 17.12 16.21 3.68
CA GLY B 132 16.00 15.44 3.15
C GLY B 132 14.70 15.65 3.89
N ILE B 133 13.67 14.88 3.53
CA ILE B 133 12.35 15.02 4.20
C ILE B 133 12.28 14.08 5.40
N ASP B 134 12.15 14.67 6.58
CA ASP B 134 12.03 13.88 7.81
C ASP B 134 10.59 13.36 7.91
N GLN B 135 10.32 12.27 7.24
CA GLN B 135 8.95 11.72 7.17
C GLN B 135 8.43 11.42 8.60
N LEU B 136 9.27 10.75 9.40
CA LEU B 136 8.87 10.32 10.75
C LEU B 136 8.59 11.55 11.62
N ALA B 137 9.44 12.57 11.56
CA ALA B 137 9.21 13.77 12.39
C ALA B 137 7.92 14.43 11.93
N ASN B 138 7.68 14.49 10.61
CA ASN B 138 6.45 15.14 10.06
C ASN B 138 5.21 14.43 10.60
N ILE B 139 5.23 13.12 10.62
CA ILE B 139 4.07 12.36 11.08
C ILE B 139 3.83 12.64 12.57
N LEU B 140 4.88 12.63 13.37
CA LEU B 140 4.67 12.84 14.83
C LEU B 140 4.06 14.22 15.07
N LYS B 141 4.48 15.21 14.31
CA LYS B 141 3.95 16.57 14.42
C LYS B 141 2.47 16.54 13.95
N THR B 142 2.18 15.87 12.83
CA THR B 142 0.80 15.79 12.33
C THR B 142 -0.07 15.07 13.36
N LEU B 143 0.45 14.06 14.01
CA LEU B 143 -0.31 13.37 15.00
C LEU B 143 -0.71 14.23 16.18
N ARG B 144 0.10 15.21 16.53
CA ARG B 144 -0.18 16.08 17.65
C ARG B 144 -1.13 17.16 17.20
N GLU B 145 -0.97 17.61 15.99
CA GLU B 145 -1.73 18.74 15.52
C GLU B 145 -2.98 18.48 14.75
N ASN B 146 -3.01 17.41 13.99
CA ASN B 146 -4.10 17.17 13.03
C ASN B 146 -4.22 15.66 12.86
N PRO B 147 -4.59 14.95 13.94
CA PRO B 147 -4.56 13.49 13.94
C PRO B 147 -5.55 12.83 12.94
N ASP B 148 -6.46 13.58 12.37
CA ASP B 148 -7.41 13.02 11.35
C ASP B 148 -6.76 12.98 9.95
N ASP B 149 -5.59 13.53 9.82
CA ASP B 149 -4.96 13.60 8.54
C ASP B 149 -4.89 12.23 7.87
N ARG B 150 -5.09 12.19 6.57
CA ARG B 150 -5.15 10.97 5.81
C ARG B 150 -3.94 10.73 4.96
N ARG B 151 -2.93 11.51 5.17
CA ARG B 151 -1.64 11.54 4.42
C ARG B 151 -0.45 11.22 5.32
N MET B 152 -0.66 10.57 6.43
CA MET B 152 0.46 10.19 7.34
C MET B 152 1.15 8.95 6.81
N ILE B 153 1.85 9.12 5.71
CA ILE B 153 2.54 8.06 4.95
C ILE B 153 4.04 8.19 5.19
N MET B 154 4.67 7.05 5.44
CA MET B 154 6.15 6.97 5.51
C MET B 154 6.58 5.90 4.54
N THR B 155 7.42 6.27 3.57
CA THR B 155 7.85 5.30 2.56
C THR B 155 9.36 5.21 2.51
N ALA B 156 9.85 3.99 2.28
CA ALA B 156 11.25 3.73 1.91
C ALA B 156 11.38 3.43 0.41
N TRP B 157 10.25 3.33 -0.29
CA TRP B 157 10.27 3.01 -1.73
C TRP B 157 10.49 4.30 -2.49
N ASN B 158 11.76 4.60 -2.73
CA ASN B 158 12.24 5.72 -3.54
C ASN B 158 12.90 5.14 -4.78
N PRO B 159 12.20 5.17 -5.93
CA PRO B 159 12.77 4.59 -7.14
C PRO B 159 14.14 5.12 -7.59
N MET B 160 14.45 6.38 -7.28
CA MET B 160 15.74 7.07 -7.65
C MET B 160 16.91 6.38 -6.90
N ASP B 161 16.66 5.84 -5.69
CA ASP B 161 17.74 5.43 -4.79
C ASP B 161 17.80 3.91 -4.76
N LEU B 162 16.86 3.19 -5.35
CA LEU B 162 16.85 1.71 -5.24
C LEU B 162 18.25 1.17 -5.66
N HIS B 163 18.87 1.67 -6.72
CA HIS B 163 20.15 1.10 -7.25
C HIS B 163 21.30 1.37 -6.25
N LEU B 164 21.14 2.31 -5.31
CA LEU B 164 22.18 2.64 -4.32
C LEU B 164 22.12 1.73 -3.07
N MET B 165 21.10 0.89 -2.97
CA MET B 165 20.73 0.16 -1.73
C MET B 165 21.26 -1.25 -1.84
N ALA B 166 21.71 -1.83 -0.73
CA ALA B 166 22.10 -3.25 -0.72
C ALA B 166 20.91 -4.09 -1.20
N LEU B 167 19.70 -3.75 -0.77
CA LEU B 167 18.46 -4.44 -1.19
C LEU B 167 17.37 -3.40 -1.36
N PRO B 168 16.39 -3.60 -2.25
CA PRO B 168 15.22 -2.73 -2.29
C PRO B 168 14.42 -3.06 -1.05
N PRO B 169 13.76 -2.08 -0.43
CA PRO B 169 13.05 -2.30 0.81
C PRO B 169 11.89 -3.28 0.60
N CYS B 170 11.57 -4.10 1.57
CA CYS B 170 10.38 -4.89 1.45
C CYS B 170 9.26 -4.45 2.40
N HIS B 171 9.61 -4.03 3.60
CA HIS B 171 8.67 -3.31 4.42
C HIS B 171 8.72 -1.85 4.01
N MET B 172 7.96 -1.55 2.97
CA MET B 172 8.18 -0.41 2.12
C MET B 172 7.43 0.85 2.40
N THR B 173 6.26 0.73 2.98
CA THR B 173 5.35 1.88 3.15
C THR B 173 4.46 1.62 4.36
N ALA B 174 4.36 2.62 5.23
CA ALA B 174 3.46 2.56 6.38
C ALA B 174 2.52 3.77 6.36
N GLN B 175 1.29 3.58 6.84
CA GLN B 175 0.33 4.66 7.06
C GLN B 175 -0.13 4.62 8.51
N PHE B 176 -0.35 5.80 9.07
CA PHE B 176 -0.83 5.98 10.47
C PHE B 176 -2.21 6.56 10.42
N TYR B 177 -2.96 6.25 11.45
CA TYR B 177 -4.38 6.63 11.55
C TYR B 177 -4.76 6.71 13.01
N VAL B 178 -5.67 7.62 13.30
CA VAL B 178 -6.14 7.88 14.67
C VAL B 178 -7.66 7.84 14.69
N ALA B 179 -8.22 7.11 15.66
CA ALA B 179 -9.62 7.27 16.05
C ALA B 179 -9.75 7.08 17.54
N ASN B 180 -10.61 7.87 18.18
CA ASN B 180 -10.91 7.70 19.61
C ASN B 180 -9.62 7.76 20.41
N GLY B 181 -8.64 8.57 20.00
CA GLY B 181 -7.41 8.72 20.81
C GLY B 181 -6.48 7.54 20.67
N GLU B 182 -6.71 6.68 19.66
CA GLU B 182 -5.84 5.48 19.45
C GLU B 182 -5.11 5.57 18.11
N LEU B 183 -3.83 5.25 18.13
CA LEU B 183 -2.92 5.25 16.99
C LEU B 183 -2.81 3.86 16.40
N SER B 184 -3.17 3.75 15.11
CA SER B 184 -3.02 2.50 14.35
C SER B 184 -2.02 2.75 13.22
N CYS B 185 -1.40 1.67 12.80
CA CYS B 185 -0.36 1.63 11.77
C CYS B 185 -0.71 0.47 10.80
N GLN B 186 -0.62 0.73 9.50
CA GLN B 186 -0.73 -0.31 8.48
C GLN B 186 0.55 -0.31 7.72
N LEU B 187 1.16 -1.48 7.65
CA LEU B 187 2.38 -1.71 6.86
C LEU B 187 2.04 -2.43 5.57
N TYR B 188 2.61 -1.93 4.49
CA TYR B 188 2.57 -2.62 3.19
C TYR B 188 3.88 -3.34 3.06
N GLN B 189 3.88 -4.68 3.10
CA GLN B 189 5.12 -5.41 2.83
C GLN B 189 5.06 -6.18 1.51
N ARG B 190 5.85 -5.80 0.52
CA ARG B 190 5.73 -6.33 -0.88
C ARG B 190 6.16 -7.78 -0.96
N SER B 191 6.98 -8.21 -0.02
CA SER B 191 7.70 -9.50 -0.01
C SER B 191 7.93 -9.94 1.44
N GLY B 192 7.15 -10.88 1.90
CA GLY B 192 7.25 -11.39 3.23
C GLY B 192 7.67 -12.82 3.32
N ASP B 193 8.80 -13.04 3.96
CA ASP B 193 9.27 -14.34 4.30
C ASP B 193 8.50 -14.72 5.54
N VAL B 194 7.47 -15.50 5.37
CA VAL B 194 6.53 -15.77 6.41
C VAL B 194 7.12 -16.56 7.57
N GLY B 195 8.15 -17.32 7.29
CA GLY B 195 8.77 -18.15 8.32
C GLY B 195 9.72 -17.34 9.18
N LEU B 196 10.35 -16.29 8.66
CA LEU B 196 11.45 -15.62 9.38
C LEU B 196 11.22 -14.10 9.48
N GLY B 197 11.10 -13.38 8.36
CA GLY B 197 11.04 -11.92 8.36
C GLY B 197 9.73 -11.45 8.98
N VAL B 198 8.62 -12.15 8.74
CA VAL B 198 7.27 -11.59 9.01
C VAL B 198 7.03 -11.50 10.52
N PRO B 199 7.34 -12.53 11.34
CA PRO B 199 7.22 -12.39 12.79
C PRO B 199 8.05 -11.24 13.33
N PHE B 200 9.24 -11.06 12.79
CA PHE B 200 10.07 -9.87 13.08
C PHE B 200 9.32 -8.55 12.75
N ASN B 201 8.78 -8.40 11.52
CA ASN B 201 8.13 -7.15 11.07
C ASN B 201 6.98 -6.85 11.99
N ILE B 202 6.27 -7.88 12.42
CA ILE B 202 5.07 -7.68 13.29
C ILE B 202 5.53 -7.09 14.62
N ALA B 203 6.57 -7.63 15.19
CA ALA B 203 7.12 -7.18 16.50
C ALA B 203 7.68 -5.76 16.31
N SER B 204 8.39 -5.56 15.22
CA SER B 204 9.08 -4.27 14.93
C SER B 204 8.11 -3.10 14.76
N TYR B 205 7.10 -3.24 13.90
CA TYR B 205 6.17 -2.14 13.58
C TYR B 205 5.17 -1.98 14.72
N SER B 206 4.89 -3.06 15.44
CA SER B 206 4.04 -2.94 16.66
C SER B 206 4.78 -2.14 17.73
N LEU B 207 6.08 -2.44 17.91
CA LEU B 207 6.92 -1.65 18.84
C LEU B 207 6.96 -0.17 18.39
N LEU B 208 7.19 0.07 17.10
CA LEU B 208 7.20 1.45 16.53
C LEU B 208 5.93 2.19 16.86
N THR B 209 4.81 1.48 16.79
CA THR B 209 3.51 2.10 17.04
C THR B 209 3.35 2.48 18.52
N HIS B 210 3.68 1.58 19.43
CA HIS B 210 3.75 1.85 20.87
C HIS B 210 4.66 3.06 21.14
N LEU B 211 5.84 3.10 20.52
CA LEU B 211 6.80 4.19 20.77
C LEU B 211 6.24 5.51 20.26
N MET B 212 5.78 5.57 19.01
CA MET B 212 5.16 6.78 18.45
C MET B 212 3.99 7.25 19.33
N ALA B 213 3.16 6.36 19.84
CA ALA B 213 2.03 6.77 20.67
C ALA B 213 2.51 7.49 21.92
N SER B 214 3.50 6.93 22.59
CA SER B 214 4.29 7.55 23.64
C SER B 214 4.66 8.98 23.40
N MET B 215 5.13 9.27 22.21
CA MET B 215 5.75 10.59 21.90
C MET B 215 4.64 11.62 21.75
N VAL B 216 3.39 11.21 21.48
CA VAL B 216 2.35 12.17 21.05
C VAL B 216 1.10 12.10 21.93
N GLY B 217 1.07 11.42 23.06
CA GLY B 217 -0.08 11.43 23.98
C GLY B 217 -1.25 10.69 23.40
N LEU B 218 -1.03 9.60 22.66
CA LEU B 218 -2.14 8.72 22.17
C LEU B 218 -1.94 7.33 22.78
N LYS B 219 -2.99 6.53 22.76
CA LYS B 219 -2.83 5.10 23.11
C LYS B 219 -2.62 4.28 21.84
N PRO B 220 -1.96 3.13 21.94
CA PRO B 220 -1.82 2.23 20.81
C PRO B 220 -3.17 1.54 20.49
N GLY B 221 -3.47 1.43 19.20
CA GLY B 221 -4.75 0.89 18.68
C GLY B 221 -4.51 -0.45 18.05
N GLU B 222 -4.19 -0.49 16.76
CA GLU B 222 -3.92 -1.76 16.03
C GLU B 222 -2.68 -1.60 15.14
N PHE B 223 -2.08 -2.72 14.82
CA PHE B 223 -1.14 -2.89 13.71
C PHE B 223 -1.72 -3.85 12.68
N ILE B 224 -1.74 -3.41 11.42
CA ILE B 224 -2.26 -4.20 10.28
C ILE B 224 -1.10 -4.46 9.35
N LEU B 225 -0.85 -5.71 9.09
CA LEU B 225 0.21 -6.09 8.16
C LEU B 225 -0.46 -6.61 6.89
N THR B 226 -0.17 -5.97 5.77
CA THR B 226 -0.71 -6.28 4.45
C THR B 226 0.48 -6.73 3.64
N LEU B 227 0.41 -7.96 3.14
CA LEU B 227 1.46 -8.52 2.30
C LEU B 227 1.14 -8.46 0.80
N GLY B 228 2.20 -8.32 0.04
CA GLY B 228 2.22 -8.63 -1.37
C GLY B 228 2.50 -10.11 -1.54
N ASP B 229 3.70 -10.44 -1.99
CA ASP B 229 4.14 -11.83 -2.17
C ASP B 229 4.47 -12.42 -0.77
N ALA B 230 3.54 -13.17 -0.19
CA ALA B 230 3.74 -13.81 1.10
C ALA B 230 4.15 -15.25 0.85
N HIS B 231 5.36 -15.57 1.24
CA HIS B 231 5.98 -16.86 0.84
C HIS B 231 6.65 -17.56 2.02
N ILE B 232 6.61 -18.87 1.96
CA ILE B 232 7.38 -19.80 2.82
C ILE B 232 8.43 -20.49 1.97
N TYR B 233 9.70 -20.32 2.30
CA TYR B 233 10.79 -21.13 1.69
C TYR B 233 10.58 -22.63 1.98
N ASN B 234 10.96 -23.48 1.01
CA ASN B 234 10.77 -24.97 1.09
C ASN B 234 11.52 -25.52 2.32
N THR B 235 12.65 -24.92 2.65
CA THR B 235 13.53 -25.35 3.75
C THR B 235 12.95 -25.02 5.12
N HIS B 236 11.94 -24.18 5.22
CA HIS B 236 11.33 -23.88 6.48
C HIS B 236 10.14 -24.73 6.73
N ILE B 237 9.70 -25.52 5.75
CA ILE B 237 8.34 -26.15 5.85
C ILE B 237 8.24 -27.07 7.09
N GLU B 238 9.23 -27.93 7.35
CA GLU B 238 9.06 -29.00 8.38
C GLU B 238 8.95 -28.30 9.75
N VAL B 239 9.86 -27.37 10.00
CA VAL B 239 9.86 -26.59 11.26
C VAL B 239 8.53 -25.82 11.44
N LEU B 240 7.90 -25.30 10.35
CA LEU B 240 6.65 -24.53 10.46
C LEU B 240 5.50 -25.48 10.77
N LYS B 241 5.46 -26.67 10.20
CA LYS B 241 4.38 -27.66 10.53
C LYS B 241 4.41 -28.05 12.01
N LYS B 242 5.60 -28.07 12.63
CA LYS B 242 5.75 -28.35 14.08
C LYS B 242 5.31 -27.14 14.89
N GLN B 243 5.62 -25.93 14.41
CA GLN B 243 5.18 -24.71 15.11
C GLN B 243 3.64 -24.65 15.13
N LEU B 244 2.98 -25.12 14.08
CA LEU B 244 1.49 -25.08 14.00
C LEU B 244 0.85 -25.99 15.04
N CYS B 245 1.60 -26.92 15.63
CA CYS B 245 1.07 -27.87 16.65
C CYS B 245 1.08 -27.25 18.02
N ARG B 246 1.69 -26.08 18.18
CA ARG B 246 1.87 -25.47 19.50
C ARG B 246 0.72 -24.51 19.72
N VAL B 247 0.14 -24.56 20.90
CA VAL B 247 -1.00 -23.71 21.30
C VAL B 247 -0.39 -22.36 21.67
N PRO B 248 -0.87 -21.26 21.11
CA PRO B 248 -0.43 -19.93 21.53
C PRO B 248 -0.76 -19.61 22.98
N ARG B 249 0.10 -18.81 23.60
CA ARG B 249 -0.08 -18.26 24.96
C ARG B 249 -0.37 -16.80 24.75
N PRO B 250 -1.00 -16.13 25.71
CA PRO B 250 -1.29 -14.72 25.54
C PRO B 250 -0.02 -13.91 25.31
N PHE B 251 -0.10 -12.95 24.40
CA PHE B 251 1.01 -12.07 24.02
C PHE B 251 1.53 -11.29 25.23
N PRO B 252 2.82 -10.92 25.23
CA PRO B 252 3.35 -10.11 26.32
C PRO B 252 2.73 -8.70 26.30
N LYS B 253 3.03 -7.94 27.33
CA LYS B 253 2.75 -6.51 27.40
C LYS B 253 4.08 -5.76 27.26
N LEU B 254 4.04 -4.59 26.64
CA LEU B 254 5.19 -3.71 26.52
C LEU B 254 5.06 -2.70 27.64
N ARG B 255 6.09 -2.55 28.46
CA ARG B 255 6.15 -1.47 29.48
C ARG B 255 7.14 -0.44 29.03
N ILE B 256 6.71 0.78 29.08
CA ILE B 256 7.59 1.91 28.70
C ILE B 256 7.89 2.68 29.98
N LEU B 257 9.16 2.77 30.35
CA LEU B 257 9.52 3.46 31.61
C LEU B 257 9.56 4.97 31.41
N MET B 258 9.92 5.42 30.21
CA MET B 258 9.98 6.86 29.89
C MET B 258 10.01 6.98 28.39
N ALA B 259 9.65 8.13 27.90
CA ALA B 259 9.79 8.52 26.50
C ALA B 259 10.70 9.73 26.53
N PRO B 260 11.70 9.74 25.68
CA PRO B 260 12.57 10.89 25.51
C PRO B 260 11.93 12.00 24.68
N GLU B 261 12.55 13.15 24.64
CA GLU B 261 12.03 14.28 23.92
C GLU B 261 12.02 14.04 22.43
N LYS B 262 12.99 13.31 21.94
CA LYS B 262 13.06 13.00 20.55
C LYS B 262 13.08 11.51 20.43
N ILE B 263 12.39 11.00 19.42
CA ILE B 263 12.16 9.54 19.23
C ILE B 263 13.50 8.80 18.95
N GLU B 264 14.47 9.46 18.33
CA GLU B 264 15.77 8.83 17.95
C GLU B 264 16.66 8.64 19.20
N ASP B 265 16.24 9.14 20.34
CA ASP B 265 16.97 9.00 21.60
C ASP B 265 16.37 7.89 22.45
N PHE B 266 15.36 7.15 22.01
CA PHE B 266 14.92 5.92 22.71
C PHE B 266 16.12 4.95 22.77
N THR B 267 16.30 4.26 23.89
CA THR B 267 17.23 3.13 23.99
C THR B 267 16.45 1.91 24.48
N ILE B 268 17.03 0.73 24.31
CA ILE B 268 16.39 -0.53 24.72
C ILE B 268 16.06 -0.52 26.22
N ASP B 269 16.83 0.19 27.03
CA ASP B 269 16.64 0.21 28.51
C ASP B 269 15.34 0.94 28.88
N MET B 270 14.69 1.64 27.94
CA MET B 270 13.55 2.53 28.31
C MET B 270 12.23 1.76 28.21
N PHE B 271 12.27 0.52 27.80
CA PHE B 271 11.06 -0.33 27.70
C PHE B 271 11.44 -1.79 27.75
N TYR B 272 10.49 -2.64 28.09
CA TYR B 272 10.76 -4.09 28.14
C TYR B 272 9.45 -4.83 27.91
N LEU B 273 9.57 -6.13 27.68
CA LEU B 273 8.47 -7.05 27.66
C LEU B 273 8.15 -7.65 29.02
N GLU B 274 6.88 -7.62 29.39
CA GLU B 274 6.43 -8.22 30.62
C GLU B 274 5.59 -9.46 30.33
N GLY B 275 5.96 -10.60 30.90
CA GLY B 275 5.19 -11.87 30.75
C GLY B 275 5.37 -12.50 29.37
N TYR B 276 6.53 -12.31 28.73
CA TYR B 276 6.86 -13.04 27.48
C TYR B 276 7.19 -14.48 27.85
N GLN B 277 6.39 -15.44 27.37
CA GLN B 277 6.52 -16.89 27.69
C GLN B 277 6.51 -17.75 26.44
N PRO B 278 7.53 -17.67 25.58
CA PRO B 278 7.53 -18.44 24.34
C PRO B 278 7.81 -19.94 24.51
N HIS B 279 7.27 -20.79 23.64
CA HIS B 279 7.70 -22.21 23.49
C HIS B 279 9.19 -22.27 23.13
N SER B 280 9.94 -23.22 23.72
CA SER B 280 11.38 -23.49 23.42
C SER B 280 11.54 -24.44 22.20
#